data_8D8I
#
_entry.id   8D8I
#
_cell.length_a   115.073
_cell.length_b   115.073
_cell.length_c   107.32
_cell.angle_alpha   90
_cell.angle_beta   90
_cell.angle_gamma   120
#
_symmetry.space_group_name_H-M   'H 3 2'
#
loop_
_entity.id
_entity.type
_entity.pdbx_description
1 polymer 'Nuclear receptor subfamily 1 group D member 1'
2 polymer 'Nuclear receptor corepressor 1'
3 non-polymer "(4S)-6-[([1,1'-biphenyl]-2-yl)oxy]-3-chloro[1,2,4]triazolo[4,3-b]pyridazine"
4 water water
#
loop_
_entity_poly.entity_id
_entity_poly.type
_entity_poly.pdbx_seq_one_letter_code
_entity_poly.pdbx_strand_id
1 'polypeptide(L)'
;GSHMPEPTVEDVISQVARAHREIFTYAHDKLGSSPGNFNANHASGSPHGRSGRTVQEIWEDFSMSFTPAVREVVEFAKHI
PGFRDLSQHDQVTLLKAGTFEVLMVRFASLFNVKDQTVMFLSRTTYSLQELGAMGMGDLLSAMFDFSEKLNSLALTEEEL
GLFTAVVLVSADRSGMENSASVEQLQETLLRALRALVLKNRPLETSRFTKLLLKLPDLRTLNNMHSEKLLSFRVDAQ
;
A
2 'polypeptide(L)' THRLITLADHIAQIITQDFA B
#
# COMPACT_ATOMS: atom_id res chain seq x y z
N PRO A 7 12.57 18.47 -9.28
CA PRO A 7 12.48 19.41 -8.15
C PRO A 7 13.47 19.11 -7.02
N THR A 8 13.49 19.98 -6.00
CA THR A 8 14.39 19.77 -4.87
C THR A 8 13.85 18.74 -3.88
N VAL A 9 14.70 18.22 -2.98
CA VAL A 9 14.31 17.22 -1.98
C VAL A 9 13.17 17.73 -1.07
N GLU A 10 13.25 19.00 -0.62
CA GLU A 10 12.19 19.57 0.21
C GLU A 10 10.88 19.74 -0.55
N ASP A 11 10.91 19.84 -1.90
CA ASP A 11 9.69 19.94 -2.73
C ASP A 11 8.98 18.58 -2.77
N VAL A 12 9.77 17.49 -2.91
CA VAL A 12 9.30 16.11 -2.95
C VAL A 12 8.65 15.74 -1.61
N ILE A 13 9.34 15.94 -0.48
CA ILE A 13 8.80 15.68 0.85
C ILE A 13 7.48 16.42 1.07
N SER A 14 7.46 17.74 0.82
CA SER A 14 6.27 18.59 1.00
C SER A 14 5.07 18.15 0.16
N GLN A 15 5.31 17.82 -1.10
CA GLN A 15 4.24 17.44 -2.02
C GLN A 15 3.67 16.04 -1.75
N VAL A 16 4.56 15.04 -1.58
CA VAL A 16 4.19 13.66 -1.30
C VAL A 16 3.45 13.55 0.06
N ALA A 17 3.92 14.29 1.09
CA ALA A 17 3.31 14.29 2.42
C ALA A 17 1.95 14.99 2.46
N ARG A 18 1.78 16.01 1.62
CA ARG A 18 0.53 16.75 1.53
C ARG A 18 -0.53 15.83 0.93
N ALA A 19 -0.23 15.19 -0.23
CA ALA A 19 -1.16 14.26 -0.87
C ALA A 19 -1.49 13.06 0.03
N HIS A 20 -0.55 12.66 0.88
CA HIS A 20 -0.74 11.56 1.81
C HIS A 20 -1.82 11.91 2.87
N ARG A 21 -1.83 13.15 3.39
CA ARG A 21 -2.84 13.59 4.35
C ARG A 21 -4.21 13.82 3.69
N GLU A 22 -4.22 14.43 2.48
CA GLU A 22 -5.45 14.74 1.73
C GLU A 22 -6.22 13.48 1.34
N ILE A 23 -5.53 12.51 0.71
CA ILE A 23 -6.15 11.29 0.16
C ILE A 23 -6.34 10.15 1.17
N PHE A 24 -5.28 9.79 1.91
CA PHE A 24 -5.35 8.65 2.82
C PHE A 24 -5.95 8.99 4.22
N THR A 25 -5.18 9.71 5.08
CA THR A 25 -5.55 10.10 6.45
C THR A 25 -6.76 11.06 6.48
N ARG A 53 -22.54 -8.82 11.20
CA ARG A 53 -21.48 -9.75 11.59
C ARG A 53 -21.60 -11.13 10.94
N THR A 54 -22.34 -11.23 9.83
CA THR A 54 -22.46 -12.47 9.07
C THR A 54 -21.50 -12.38 7.87
N VAL A 55 -20.96 -13.53 7.43
CA VAL A 55 -19.99 -13.62 6.33
C VAL A 55 -20.34 -12.76 5.12
N GLN A 56 -21.62 -12.76 4.71
CA GLN A 56 -22.03 -11.96 3.56
C GLN A 56 -21.94 -10.47 3.85
N GLU A 57 -22.42 -10.02 5.00
CA GLU A 57 -22.33 -8.60 5.37
C GLU A 57 -20.87 -8.09 5.47
N ILE A 58 -19.93 -8.95 5.95
CA ILE A 58 -18.49 -8.65 6.07
C ILE A 58 -17.85 -8.48 4.70
N TRP A 59 -18.31 -9.24 3.69
CA TRP A 59 -17.81 -9.14 2.32
C TRP A 59 -18.34 -7.89 1.60
N GLU A 60 -19.50 -7.35 2.02
CA GLU A 60 -20.07 -6.12 1.47
C GLU A 60 -19.30 -4.95 2.08
N ASP A 61 -19.06 -5.00 3.41
CA ASP A 61 -18.28 -3.96 4.09
C ASP A 61 -16.84 -3.95 3.56
N PHE A 62 -16.28 -5.14 3.27
CA PHE A 62 -14.94 -5.25 2.70
C PHE A 62 -14.94 -4.62 1.31
N SER A 63 -15.85 -5.04 0.41
CA SER A 63 -15.92 -4.51 -0.94
C SER A 63 -16.12 -3.01 -0.98
N MET A 64 -16.98 -2.47 -0.13
CA MET A 64 -17.24 -1.03 -0.10
C MET A 64 -16.11 -0.23 0.55
N SER A 65 -15.18 -0.89 1.27
CA SER A 65 -14.04 -0.21 1.85
C SER A 65 -12.84 -0.32 0.93
N PHE A 66 -12.63 -1.52 0.34
CA PHE A 66 -11.53 -1.91 -0.53
C PHE A 66 -11.51 -1.17 -1.85
N THR A 67 -12.67 -1.06 -2.53
CA THR A 67 -12.71 -0.37 -3.83
C THR A 67 -12.23 1.09 -3.69
N PRO A 68 -12.86 1.96 -2.84
CA PRO A 68 -12.30 3.32 -2.68
C PRO A 68 -10.83 3.34 -2.26
N ALA A 69 -10.40 2.40 -1.39
CA ALA A 69 -9.00 2.31 -0.98
C ALA A 69 -8.05 2.17 -2.18
N VAL A 70 -8.41 1.33 -3.18
CA VAL A 70 -7.58 1.16 -4.37
C VAL A 70 -7.56 2.46 -5.16
N ARG A 71 -8.73 3.10 -5.33
CA ARG A 71 -8.87 4.39 -6.04
C ARG A 71 -7.99 5.43 -5.41
N GLU A 72 -7.95 5.47 -4.06
CA GLU A 72 -7.12 6.40 -3.28
C GLU A 72 -5.63 6.22 -3.63
N VAL A 73 -5.18 4.97 -3.85
CA VAL A 73 -3.78 4.70 -4.24
C VAL A 73 -3.47 5.32 -5.61
N VAL A 74 -4.43 5.21 -6.55
CA VAL A 74 -4.30 5.76 -7.89
C VAL A 74 -4.28 7.27 -7.84
N GLU A 75 -5.12 7.89 -6.98
CA GLU A 75 -5.13 9.34 -6.87
C GLU A 75 -3.85 9.84 -6.21
N PHE A 76 -3.39 9.15 -5.17
CA PHE A 76 -2.14 9.47 -4.49
C PHE A 76 -0.98 9.38 -5.47
N ALA A 77 -0.98 8.35 -6.34
CA ALA A 77 0.06 8.13 -7.35
C ALA A 77 0.17 9.32 -8.30
N LYS A 78 -0.98 9.87 -8.76
CA LYS A 78 -1.00 11.04 -9.65
C LYS A 78 -0.19 12.21 -9.05
N HIS A 79 -0.35 12.43 -7.72
CA HIS A 79 0.35 13.46 -6.96
C HIS A 79 1.80 13.11 -6.58
N ILE A 80 2.39 12.07 -7.19
CA ILE A 80 3.79 11.74 -6.93
C ILE A 80 4.63 12.41 -8.00
N PRO A 81 5.52 13.34 -7.59
CA PRO A 81 6.36 14.05 -8.56
C PRO A 81 7.12 13.12 -9.51
N GLY A 82 6.69 13.10 -10.77
CA GLY A 82 7.32 12.30 -11.81
C GLY A 82 6.50 11.12 -12.31
N PHE A 83 5.38 10.81 -11.63
CA PHE A 83 4.56 9.68 -12.00
C PHE A 83 3.79 9.88 -13.29
N ARG A 84 3.17 11.06 -13.48
CA ARG A 84 2.39 11.35 -14.69
C ARG A 84 3.26 11.47 -15.97
N ASP A 85 4.57 11.76 -15.80
CA ASP A 85 5.57 11.83 -16.87
C ASP A 85 5.83 10.41 -17.47
N LEU A 86 5.62 9.32 -16.68
CA LEU A 86 5.76 7.97 -17.20
C LEU A 86 4.65 7.73 -18.22
N SER A 87 4.86 6.79 -19.16
CA SER A 87 3.82 6.47 -20.13
C SER A 87 2.60 5.85 -19.44
N GLN A 88 1.42 5.95 -20.07
CA GLN A 88 0.18 5.39 -19.53
C GLN A 88 0.29 3.92 -19.16
N HIS A 89 1.06 3.17 -19.97
CA HIS A 89 1.30 1.74 -19.78
C HIS A 89 2.12 1.52 -18.52
N ASP A 90 3.21 2.28 -18.35
CA ASP A 90 4.07 2.14 -17.19
C ASP A 90 3.38 2.54 -15.88
N GLN A 91 2.50 3.53 -15.93
CA GLN A 91 1.77 3.98 -14.76
C GLN A 91 0.82 2.90 -14.28
N VAL A 92 0.10 2.28 -15.22
CA VAL A 92 -0.84 1.22 -14.96
C VAL A 92 -0.11 -0.04 -14.51
N THR A 93 1.06 -0.34 -15.13
CA THR A 93 1.90 -1.50 -14.79
C THR A 93 2.39 -1.40 -13.34
N LEU A 94 2.89 -0.22 -12.93
CA LEU A 94 3.32 0.05 -11.54
C LEU A 94 2.13 -0.10 -10.57
N LEU A 95 0.97 0.52 -10.88
CA LEU A 95 -0.18 0.44 -9.99
C LEU A 95 -0.68 -0.98 -9.86
N LYS A 96 -0.63 -1.77 -10.94
CA LYS A 96 -1.13 -3.14 -10.90
C LYS A 96 -0.24 -4.06 -10.07
N ALA A 97 1.08 -3.81 -10.10
CA ALA A 97 2.10 -4.59 -9.40
C ALA A 97 2.32 -4.21 -7.92
N GLY A 98 2.20 -2.91 -7.59
CA GLY A 98 2.46 -2.43 -6.25
C GLY A 98 1.28 -1.96 -5.42
N THR A 99 0.03 -2.08 -5.90
CA THR A 99 -1.12 -1.58 -5.11
C THR A 99 -1.43 -2.46 -3.90
N PHE A 100 -1.17 -3.77 -4.00
CA PHE A 100 -1.39 -4.68 -2.86
C PHE A 100 -0.42 -4.30 -1.75
N GLU A 101 0.87 -4.06 -2.13
CA GLU A 101 1.92 -3.69 -1.19
C GLU A 101 1.65 -2.36 -0.54
N VAL A 102 1.12 -1.38 -1.29
CA VAL A 102 0.77 -0.08 -0.72
C VAL A 102 -0.33 -0.23 0.30
N LEU A 103 -1.34 -1.09 0.00
CA LEU A 103 -2.42 -1.34 0.91
C LEU A 103 -1.94 -2.02 2.18
N MET A 104 -0.92 -2.87 2.11
CA MET A 104 -0.37 -3.51 3.32
C MET A 104 0.27 -2.47 4.25
N VAL A 105 0.90 -1.43 3.67
CA VAL A 105 1.50 -0.34 4.43
C VAL A 105 0.40 0.62 4.96
N ARG A 106 -0.56 0.95 4.09
CA ARG A 106 -1.68 1.83 4.46
C ARG A 106 -2.57 1.20 5.54
N PHE A 107 -2.89 -0.11 5.42
CA PHE A 107 -3.74 -0.82 6.37
C PHE A 107 -3.05 -1.31 7.61
N ALA A 108 -1.71 -1.28 7.66
CA ALA A 108 -0.94 -1.72 8.82
C ALA A 108 -1.42 -1.07 10.14
N SER A 109 -1.73 0.23 10.14
CA SER A 109 -2.22 0.93 11.33
C SER A 109 -3.64 0.50 11.75
N LEU A 110 -4.41 -0.08 10.82
CA LEU A 110 -5.75 -0.57 11.11
C LEU A 110 -5.76 -1.94 11.79
N PHE A 111 -4.58 -2.52 12.07
CA PHE A 111 -4.41 -3.80 12.72
C PHE A 111 -4.03 -3.51 14.16
N ASN A 112 -4.91 -3.86 15.10
CA ASN A 112 -4.64 -3.65 16.51
C ASN A 112 -4.06 -4.95 17.01
N VAL A 113 -2.74 -5.03 17.11
CA VAL A 113 -2.02 -6.24 17.52
C VAL A 113 -2.46 -6.74 18.90
N LYS A 114 -2.63 -5.83 19.87
CA LYS A 114 -3.05 -6.13 21.25
C LYS A 114 -4.48 -6.67 21.36
N ASP A 115 -5.45 -5.98 20.74
CA ASP A 115 -6.85 -6.41 20.79
C ASP A 115 -7.16 -7.59 19.83
N GLN A 116 -6.27 -7.81 18.83
CA GLN A 116 -6.43 -8.76 17.73
C GLN A 116 -7.66 -8.34 16.88
N THR A 117 -7.79 -7.02 16.63
CA THR A 117 -8.90 -6.45 15.88
C THR A 117 -8.45 -5.65 14.67
N VAL A 118 -9.07 -5.90 13.52
CA VAL A 118 -8.76 -5.15 12.33
C VAL A 118 -9.95 -4.25 12.00
N MET A 119 -9.70 -2.97 11.75
CA MET A 119 -10.73 -2.03 11.41
C MET A 119 -10.73 -1.78 9.91
N PHE A 120 -11.92 -1.69 9.31
CA PHE A 120 -12.02 -1.42 7.89
C PHE A 120 -12.15 0.09 7.66
N LEU A 121 -11.95 0.53 6.41
CA LEU A 121 -12.02 1.95 6.04
C LEU A 121 -13.38 2.63 6.29
N SER A 122 -14.40 1.83 6.71
CA SER A 122 -15.73 2.33 7.07
C SER A 122 -15.87 2.50 8.60
N ARG A 123 -14.75 2.45 9.35
CA ARG A 123 -14.65 2.57 10.82
C ARG A 123 -15.25 1.37 11.57
N THR A 124 -15.61 0.28 10.87
CA THR A 124 -16.16 -0.93 11.51
C THR A 124 -15.00 -1.79 12.01
N THR A 125 -15.01 -2.16 13.28
CA THR A 125 -13.93 -2.98 13.85
C THR A 125 -14.34 -4.46 13.90
N TYR A 126 -13.41 -5.40 13.64
CA TYR A 126 -13.71 -6.85 13.62
C TYR A 126 -12.67 -7.67 14.33
N SER A 127 -13.09 -8.75 15.01
CA SER A 127 -12.14 -9.65 15.64
C SER A 127 -11.47 -10.54 14.58
N LEU A 128 -10.33 -11.16 14.92
CA LEU A 128 -9.65 -12.07 14.01
C LEU A 128 -10.58 -13.29 13.72
N GLN A 129 -11.23 -13.83 14.77
CA GLN A 129 -12.13 -14.99 14.66
C GLN A 129 -13.32 -14.72 13.74
N GLU A 130 -13.96 -13.56 13.92
CA GLU A 130 -15.07 -13.06 13.13
C GLU A 130 -14.65 -13.02 11.64
N LEU A 131 -13.42 -12.55 11.36
CA LEU A 131 -12.83 -12.46 10.03
C LEU A 131 -12.27 -13.78 9.47
N GLY A 132 -12.24 -14.83 10.27
CA GLY A 132 -11.75 -16.14 9.84
C GLY A 132 -12.61 -16.78 8.76
N ALA A 133 -13.89 -16.35 8.66
CA ALA A 133 -14.89 -16.81 7.68
C ALA A 133 -14.60 -16.38 6.23
N MET A 134 -13.57 -15.55 6.03
CA MET A 134 -13.13 -15.16 4.70
C MET A 134 -12.06 -16.21 4.28
N GLY A 135 -11.46 -16.05 3.09
CA GLY A 135 -10.40 -16.97 2.66
C GLY A 135 -9.20 -16.84 3.58
N MET A 136 -8.33 -15.87 3.25
CA MET A 136 -7.12 -15.35 3.92
C MET A 136 -6.64 -16.22 5.13
N GLY A 137 -6.94 -15.77 6.37
CA GLY A 137 -6.53 -16.43 7.60
C GLY A 137 -5.05 -16.25 7.89
N ASP A 138 -4.22 -16.73 6.95
CA ASP A 138 -2.78 -16.58 7.01
C ASP A 138 -2.39 -15.15 6.64
N LEU A 139 -3.13 -14.50 5.71
CA LEU A 139 -2.85 -13.13 5.34
C LEU A 139 -3.10 -12.19 6.54
N LEU A 140 -4.19 -12.42 7.30
CA LEU A 140 -4.51 -11.59 8.45
C LEU A 140 -3.47 -11.68 9.56
N SER A 141 -2.93 -12.88 9.85
CA SER A 141 -1.90 -13.01 10.89
C SER A 141 -0.55 -12.45 10.40
N ALA A 142 -0.24 -12.60 9.10
CA ALA A 142 0.97 -12.01 8.47
C ALA A 142 0.94 -10.48 8.56
N MET A 143 -0.26 -9.91 8.45
CA MET A 143 -0.48 -8.48 8.54
C MET A 143 -0.28 -7.95 9.94
N PHE A 144 -0.61 -8.75 10.96
CA PHE A 144 -0.42 -8.37 12.36
C PHE A 144 1.07 -8.25 12.69
N ASP A 145 1.89 -9.18 12.15
CA ASP A 145 3.33 -9.23 12.34
C ASP A 145 3.99 -8.06 11.63
N PHE A 146 3.55 -7.77 10.39
CA PHE A 146 4.11 -6.70 9.57
C PHE A 146 3.80 -5.33 10.16
N SER A 147 2.57 -5.11 10.62
CA SER A 147 2.21 -3.82 11.22
C SER A 147 2.98 -3.59 12.52
N GLU A 148 3.17 -4.65 13.30
CA GLU A 148 3.89 -4.60 14.56
C GLU A 148 5.35 -4.19 14.30
N LYS A 149 5.99 -4.81 13.29
CA LYS A 149 7.34 -4.52 12.84
C LYS A 149 7.44 -3.05 12.39
N LEU A 150 6.50 -2.59 11.55
CA LEU A 150 6.45 -1.22 11.04
C LEU A 150 6.19 -0.20 12.14
N ASN A 151 5.51 -0.61 13.22
CA ASN A 151 5.21 0.25 14.36
C ASN A 151 6.40 0.60 15.18
N SER A 152 7.35 -0.32 15.33
CA SER A 152 8.55 -0.07 16.10
C SER A 152 9.38 1.11 15.51
N LEU A 153 9.19 1.45 14.22
CA LEU A 153 9.92 2.56 13.62
C LEU A 153 9.39 3.92 14.08
N ALA A 154 8.09 3.99 14.44
CA ALA A 154 7.41 5.23 14.84
C ALA A 154 7.57 6.30 13.74
N LEU A 155 7.13 5.97 12.52
CA LEU A 155 7.25 6.89 11.42
C LEU A 155 6.32 8.08 11.63
N THR A 156 6.83 9.28 11.39
CA THR A 156 6.01 10.49 11.39
C THR A 156 5.10 10.40 10.16
N GLU A 157 4.05 11.24 10.07
CA GLU A 157 3.16 11.20 8.90
C GLU A 157 3.94 11.44 7.61
N GLU A 158 4.91 12.38 7.62
CA GLU A 158 5.75 12.70 6.46
C GLU A 158 6.49 11.44 6.02
N GLU A 159 7.18 10.78 6.97
CA GLU A 159 7.95 9.57 6.74
C GLU A 159 7.08 8.47 6.19
N LEU A 160 5.91 8.24 6.77
CA LEU A 160 5.01 7.19 6.29
C LEU A 160 4.53 7.47 4.86
N GLY A 161 4.26 8.75 4.56
CA GLY A 161 3.82 9.17 3.25
C GLY A 161 4.90 9.00 2.20
N LEU A 162 6.14 9.25 2.59
CA LEU A 162 7.26 9.09 1.66
C LEU A 162 7.63 7.63 1.48
N PHE A 163 7.38 6.78 2.48
CA PHE A 163 7.62 5.35 2.40
C PHE A 163 6.56 4.71 1.49
N THR A 164 5.30 5.13 1.63
CA THR A 164 4.18 4.66 0.81
C THR A 164 4.46 4.95 -0.69
N ALA A 165 5.12 6.07 -1.00
CA ALA A 165 5.43 6.44 -2.38
C ALA A 165 6.57 5.54 -2.88
N VAL A 166 7.59 5.29 -2.04
CA VAL A 166 8.72 4.41 -2.33
C VAL A 166 8.19 2.98 -2.62
N VAL A 167 7.26 2.47 -1.77
CA VAL A 167 6.70 1.13 -1.93
C VAL A 167 6.02 0.98 -3.30
N LEU A 168 5.21 1.97 -3.69
CA LEU A 168 4.53 1.97 -4.97
C LEU A 168 5.50 1.94 -6.18
N VAL A 169 6.54 2.79 -6.18
CA VAL A 169 7.51 2.81 -7.29
C VAL A 169 8.58 1.71 -7.20
N SER A 170 8.54 0.86 -6.16
CA SER A 170 9.52 -0.20 -5.99
C SER A 170 9.03 -1.61 -6.37
N ALA A 171 7.83 -1.71 -6.98
CA ALA A 171 7.19 -2.93 -7.47
C ALA A 171 8.00 -3.59 -8.61
N ASP A 172 7.70 -4.86 -8.93
CA ASP A 172 8.40 -5.58 -10.00
C ASP A 172 8.30 -4.84 -11.34
N ARG A 173 9.44 -4.55 -11.96
CA ARG A 173 9.47 -3.79 -13.21
C ARG A 173 9.39 -4.67 -14.46
N SER A 174 8.76 -5.83 -14.34
CA SER A 174 8.56 -6.71 -15.48
C SER A 174 7.46 -6.05 -16.36
N GLY A 175 7.63 -6.10 -17.68
CA GLY A 175 6.66 -5.54 -18.61
C GLY A 175 6.60 -4.02 -18.65
N MET A 176 7.72 -3.36 -18.32
CA MET A 176 7.77 -1.90 -18.36
C MET A 176 8.32 -1.49 -19.71
N GLU A 177 7.63 -0.56 -20.40
CA GLU A 177 8.10 0.00 -21.67
C GLU A 177 9.43 0.73 -21.43
N ASN A 178 9.56 1.42 -20.29
CA ASN A 178 10.77 2.15 -19.95
C ASN A 178 11.09 2.02 -18.47
N SER A 179 11.84 0.97 -18.09
CA SER A 179 12.22 0.76 -16.69
C SER A 179 13.16 1.83 -16.16
N ALA A 180 13.92 2.49 -17.06
CA ALA A 180 14.86 3.53 -16.69
C ALA A 180 14.15 4.71 -16.08
N SER A 181 12.99 5.09 -16.63
CA SER A 181 12.24 6.23 -16.10
C SER A 181 11.75 5.93 -14.69
N VAL A 182 11.31 4.69 -14.44
CA VAL A 182 10.80 4.22 -13.16
C VAL A 182 11.93 4.16 -12.15
N GLU A 183 13.11 3.67 -12.56
CA GLU A 183 14.27 3.58 -11.67
C GLU A 183 14.74 4.97 -11.20
N GLN A 184 14.62 5.98 -12.07
CA GLN A 184 15.00 7.35 -11.72
C GLN A 184 13.95 8.02 -10.82
N LEU A 185 12.68 7.64 -10.96
CA LEU A 185 11.59 8.11 -10.13
C LEU A 185 11.75 7.50 -8.71
N GLN A 186 12.19 6.23 -8.65
CA GLN A 186 12.44 5.50 -7.44
C GLN A 186 13.58 6.11 -6.67
N GLU A 187 14.68 6.50 -7.33
CA GLU A 187 15.81 7.11 -6.65
C GLU A 187 15.52 8.54 -6.17
N THR A 188 14.63 9.25 -6.88
CA THR A 188 14.23 10.60 -6.48
C THR A 188 13.47 10.52 -5.15
N LEU A 189 12.52 9.57 -5.04
CA LEU A 189 11.78 9.37 -3.79
C LEU A 189 12.72 8.76 -2.71
N LEU A 190 13.66 7.90 -3.10
CA LEU A 190 14.60 7.30 -2.15
C LEU A 190 15.60 8.29 -1.57
N ARG A 191 15.93 9.34 -2.30
CA ARG A 191 16.84 10.38 -1.82
C ARG A 191 16.14 11.30 -0.81
N ALA A 192 14.88 11.66 -1.12
CA ALA A 192 14.06 12.50 -0.25
C ALA A 192 13.80 11.76 1.06
N LEU A 193 13.55 10.44 1.01
CA LEU A 193 13.30 9.63 2.20
C LEU A 193 14.55 9.51 3.08
N ARG A 194 15.73 9.47 2.44
CA ARG A 194 17.03 9.40 3.11
C ARG A 194 17.22 10.67 3.91
N ALA A 195 17.03 11.81 3.25
CA ALA A 195 17.18 13.13 3.84
C ALA A 195 16.19 13.39 4.97
N LEU A 196 14.90 13.04 4.81
CA LEU A 196 13.87 13.26 5.82
C LEU A 196 14.15 12.49 7.09
N VAL A 197 14.54 11.23 6.92
CA VAL A 197 14.85 10.32 8.01
C VAL A 197 16.11 10.78 8.77
N LEU A 198 17.08 11.39 8.06
CA LEU A 198 18.30 11.91 8.71
C LEU A 198 18.01 13.23 9.44
N LYS A 199 17.15 14.07 8.87
CA LYS A 199 16.69 15.32 9.48
C LYS A 199 15.97 15.01 10.83
N ASN A 200 15.10 13.97 10.83
CA ASN A 200 14.33 13.61 12.01
C ASN A 200 15.13 12.88 13.06
N ARG A 201 15.75 11.73 12.75
CA ARG A 201 16.52 10.98 13.74
C ARG A 201 17.95 10.79 13.24
N PRO A 202 18.81 11.81 13.40
CA PRO A 202 20.17 11.70 12.86
C PRO A 202 21.02 10.60 13.48
N LEU A 203 20.87 10.42 14.79
CA LEU A 203 21.60 9.39 15.51
C LEU A 203 21.15 8.00 15.10
N GLU A 204 19.87 7.82 14.68
CA GLU A 204 19.41 6.52 14.22
C GLU A 204 19.81 6.38 12.74
N THR A 205 21.09 6.06 12.54
CA THR A 205 21.75 5.95 11.24
C THR A 205 21.21 4.76 10.40
N SER A 206 20.56 3.77 11.05
CA SER A 206 20.01 2.64 10.33
C SER A 206 18.50 2.77 10.04
N ARG A 207 17.91 3.92 10.26
CA ARG A 207 16.47 4.11 10.05
C ARG A 207 16.10 3.92 8.59
N PHE A 208 16.93 4.46 7.68
CA PHE A 208 16.71 4.36 6.25
C PHE A 208 16.84 2.89 5.84
N THR A 209 17.88 2.21 6.38
CA THR A 209 18.13 0.81 6.14
C THR A 209 16.94 -0.03 6.58
N LYS A 210 16.45 0.20 7.81
CA LYS A 210 15.30 -0.50 8.34
C LYS A 210 14.07 -0.34 7.43
N LEU A 211 13.91 0.81 6.81
CA LEU A 211 12.83 1.04 5.86
C LEU A 211 13.01 0.25 4.55
N LEU A 212 14.23 0.25 3.96
CA LEU A 212 14.49 -0.56 2.77
C LEU A 212 14.38 -2.06 3.03
N LEU A 213 14.55 -2.46 4.30
CA LEU A 213 14.44 -3.85 4.72
C LEU A 213 13.01 -4.34 4.78
N LYS A 214 12.01 -3.42 4.76
CA LYS A 214 10.60 -3.79 4.72
C LYS A 214 10.20 -4.22 3.31
N LEU A 215 10.92 -3.79 2.26
CA LEU A 215 10.65 -4.09 0.87
C LEU A 215 10.61 -5.59 0.53
N PRO A 216 11.56 -6.45 0.97
CA PRO A 216 11.40 -7.91 0.72
C PRO A 216 10.29 -8.54 1.57
N ASP A 217 10.00 -7.97 2.73
CA ASP A 217 8.87 -8.44 3.56
C ASP A 217 7.57 -8.18 2.82
N LEU A 218 7.45 -7.01 2.17
CA LEU A 218 6.30 -6.62 1.35
C LEU A 218 6.22 -7.44 0.09
N ARG A 219 7.36 -7.72 -0.53
CA ARG A 219 7.43 -8.56 -1.71
C ARG A 219 7.03 -10.02 -1.37
N THR A 220 7.37 -10.55 -0.18
CA THR A 220 6.95 -11.90 0.23
C THR A 220 5.43 -11.94 0.46
N LEU A 221 4.86 -10.96 1.16
CA LEU A 221 3.44 -10.93 1.42
C LEU A 221 2.62 -10.82 0.12
N ASN A 222 3.13 -10.07 -0.85
CA ASN A 222 2.47 -9.93 -2.14
C ASN A 222 2.54 -11.29 -2.87
N ASN A 223 3.72 -11.93 -2.87
CA ASN A 223 3.91 -13.21 -3.52
C ASN A 223 3.08 -14.32 -2.84
N MET A 224 2.94 -14.26 -1.53
CA MET A 224 2.21 -15.27 -0.77
C MET A 224 0.70 -15.09 -0.80
N HIS A 225 0.20 -13.86 -0.92
CA HIS A 225 -1.24 -13.63 -0.75
C HIS A 225 -1.99 -12.94 -1.89
N SER A 226 -1.33 -12.45 -2.95
CA SER A 226 -2.04 -11.76 -4.03
C SER A 226 -3.04 -12.66 -4.78
N GLU A 227 -2.88 -13.99 -4.68
CA GLU A 227 -3.75 -14.94 -5.36
C GLU A 227 -4.91 -15.45 -4.49
N LYS A 228 -5.00 -15.02 -3.22
CA LYS A 228 -6.10 -15.41 -2.34
C LYS A 228 -7.46 -14.88 -2.90
N LEU A 229 -8.56 -15.64 -2.73
CA LEU A 229 -9.85 -15.26 -3.31
C LEU A 229 -10.74 -14.37 -2.45
N LEU A 230 -11.43 -13.46 -3.16
CA LEU A 230 -12.41 -12.49 -2.63
C LEU A 230 -13.81 -12.86 -3.17
N SER A 231 -14.86 -12.72 -2.34
CA SER A 231 -16.22 -13.03 -2.76
C SER A 231 -17.04 -11.76 -2.91
N PHE A 232 -17.85 -11.67 -3.98
CA PHE A 232 -18.70 -10.50 -4.23
C PHE A 232 -20.11 -10.93 -4.57
N ARG A 233 -21.13 -10.20 -4.08
CA ARG A 233 -22.52 -10.53 -4.41
C ARG A 233 -22.75 -10.32 -5.92
N VAL A 234 -23.23 -11.36 -6.62
CA VAL A 234 -23.44 -11.31 -8.06
C VAL A 234 -24.93 -11.19 -8.43
N THR B 1 -24.90 -16.74 -7.20
CA THR B 1 -25.16 -15.54 -6.38
C THR B 1 -23.86 -14.90 -5.82
N HIS B 2 -22.69 -15.57 -5.97
CA HIS B 2 -21.41 -15.00 -5.50
C HIS B 2 -20.30 -15.20 -6.50
N ARG B 3 -19.52 -14.14 -6.70
CA ARG B 3 -18.39 -14.06 -7.63
C ARG B 3 -17.07 -14.26 -6.86
N LEU B 4 -16.12 -15.02 -7.42
CA LEU B 4 -14.81 -15.28 -6.80
C LEU B 4 -13.72 -14.72 -7.72
N ILE B 5 -12.74 -13.99 -7.16
CA ILE B 5 -11.64 -13.37 -7.93
C ILE B 5 -10.39 -13.14 -7.01
N THR B 6 -9.16 -13.31 -7.54
CA THR B 6 -7.97 -13.10 -6.73
C THR B 6 -7.82 -11.62 -6.33
N LEU B 7 -7.03 -11.34 -5.28
CA LEU B 7 -6.76 -9.98 -4.81
C LEU B 7 -6.09 -9.19 -5.91
N ALA B 8 -5.16 -9.81 -6.66
CA ALA B 8 -4.43 -9.16 -7.75
C ALA B 8 -5.35 -8.75 -8.91
N ASP B 9 -6.24 -9.66 -9.33
CA ASP B 9 -7.15 -9.43 -10.44
C ASP B 9 -8.18 -8.37 -10.10
N HIS B 10 -8.69 -8.37 -8.88
CA HIS B 10 -9.67 -7.38 -8.46
C HIS B 10 -9.05 -5.97 -8.40
N ILE B 11 -7.77 -5.89 -8.00
CA ILE B 11 -7.00 -4.64 -7.96
C ILE B 11 -6.82 -4.17 -9.41
N ALA B 12 -6.34 -5.06 -10.30
CA ALA B 12 -6.15 -4.73 -11.72
C ALA B 12 -7.47 -4.34 -12.39
N GLN B 13 -8.60 -4.91 -11.94
CA GLN B 13 -9.92 -4.59 -12.45
C GLN B 13 -10.29 -3.16 -12.11
N ILE B 14 -10.15 -2.76 -10.81
CA ILE B 14 -10.42 -1.41 -10.36
C ILE B 14 -9.52 -0.42 -11.10
N ILE B 15 -8.23 -0.77 -11.26
CA ILE B 15 -7.27 0.09 -11.95
C ILE B 15 -7.65 0.34 -13.42
N THR B 16 -7.81 -0.73 -14.22
CA THR B 16 -8.16 -0.57 -15.63
C THR B 16 -9.51 0.18 -15.80
N GLN B 17 -10.46 -0.02 -14.88
CA GLN B 17 -11.74 0.68 -14.90
C GLN B 17 -11.54 2.18 -14.59
N ASP B 18 -10.65 2.51 -13.64
CA ASP B 18 -10.35 3.90 -13.25
C ASP B 18 -9.56 4.65 -14.36
N PHE B 19 -8.87 3.92 -15.25
CA PHE B 19 -8.10 4.56 -16.32
C PHE B 19 -8.90 4.63 -17.62
N ALA B 20 -10.23 4.83 -17.51
CA ALA B 20 -11.11 4.97 -18.66
C ALA B 20 -11.50 6.44 -18.85
#